data_1GKJ
#
_entry.id   1GKJ
#
_cell.length_a   78.560
_cell.length_b   116.672
_cell.length_c   129.481
_cell.angle_alpha   90.00
_cell.angle_beta   90.00
_cell.angle_gamma   90.00
#
_symmetry.space_group_name_H-M   'I 2 2 2'
#
loop_
_entity.id
_entity.type
_entity.pdbx_description
1 polymer 'HISTIDINE AMMONIA-LYASE'
2 non-polymer 'SULFATE ION'
3 non-polymer GLYCEROL
4 water water
#
_entity_poly.entity_id   1
_entity_poly.type   'polypeptide(L)'
_entity_poly.pdbx_seq_one_letter_code
;TELTLKPGTLTLAQLRAIHAAPVRLQLDASAAPAIDASVACVEQIIAEDRTAYGINTGFGLLASTRIASHDLENLQRSLV
LSHAAGIGAPLDDDLVRLIMVLKINSLSRGFSGIRRKVIDALIALVNAEVYPHIPLKGSVG(MDO)DLAPLAHMSLVLLG
EGKARYKGQWLSATEALAVAGLEPLTLAAKEGLALLNGTQASTAYALRGLFYAEDLYAAAIACGGLSVEAVLGSRSPFDA
RIHEARGQRGQIDTAACFRDLLGDSSEVSLSHKNADKVQDPFSLRCQPQVMGACLTQLRQAAEVLGIEANAVSDNPLVFA
AEGDVISGGNFHAEPVAMAADNLALAIAEIGSLSERRISLMMDKHMSQLPPFLVENGGVNSGFMIAQVTAAALASENKAL
SHPHSVDSLPTSANQEDHVSMAPAAGKRLWEMAENTRGVLAIEWLGACQGLDLRKGLKTSAKLEKARQALRSEVAHYDRD
RFFAPDIEKAVELLAKGSLTGLLPAGVLPSL
;
_entity_poly.pdbx_strand_id   A
#
loop_
_chem_comp.id
_chem_comp.type
_chem_comp.name
_chem_comp.formula
GOL non-polymer GLYCEROL 'C3 H8 O3'
SO4 non-polymer 'SULFATE ION' 'O4 S -2'
#
# COMPACT_ATOMS: atom_id res chain seq x y z
N THR A 1 -1.41 -18.69 3.16
CA THR A 1 0.03 -18.88 3.31
C THR A 1 0.46 -19.09 4.77
N GLU A 2 1.26 -20.13 4.97
CA GLU A 2 1.86 -20.50 6.23
C GLU A 2 3.24 -19.85 6.35
N LEU A 3 3.47 -19.28 7.53
CA LEU A 3 4.66 -18.45 7.69
C LEU A 3 5.37 -18.77 9.00
N THR A 4 6.62 -19.26 8.90
CA THR A 4 7.48 -19.38 10.06
C THR A 4 8.39 -18.16 10.09
N LEU A 5 8.03 -17.19 10.91
CA LEU A 5 8.70 -15.89 10.87
C LEU A 5 10.07 -15.84 11.55
N LYS A 6 11.08 -15.45 10.78
CA LYS A 6 12.37 -14.99 11.27
C LYS A 6 12.25 -13.47 11.40
N PRO A 7 12.05 -13.00 12.62
CA PRO A 7 11.71 -11.58 12.80
C PRO A 7 12.72 -10.67 12.14
N GLY A 8 12.17 -9.66 11.45
CA GLY A 8 12.97 -8.67 10.78
C GLY A 8 13.39 -9.03 9.38
N THR A 9 12.90 -10.12 8.82
CA THR A 9 13.26 -10.61 7.49
C THR A 9 12.08 -10.64 6.52
N LEU A 10 10.94 -10.01 6.86
CA LEU A 10 9.83 -9.98 5.90
C LEU A 10 10.22 -9.22 4.64
N THR A 11 9.91 -9.85 3.51
CA THR A 11 10.08 -9.33 2.18
C THR A 11 8.83 -8.56 1.73
N LEU A 12 9.02 -7.71 0.72
CA LEU A 12 7.86 -7.00 0.19
C LEU A 12 6.84 -7.96 -0.38
N ALA A 13 7.26 -9.06 -1.03
CA ALA A 13 6.29 -10.04 -1.52
C ALA A 13 5.54 -10.70 -0.37
N GLN A 14 6.19 -11.03 0.75
CA GLN A 14 5.44 -11.60 1.87
C GLN A 14 4.42 -10.58 2.37
N LEU A 15 4.83 -9.31 2.40
CA LEU A 15 3.92 -8.30 2.95
C LEU A 15 2.69 -8.15 2.05
N ARG A 16 2.91 -8.16 0.74
CA ARG A 16 1.76 -8.14 -0.17
C ARG A 16 0.83 -9.31 0.11
N ALA A 17 1.41 -10.47 0.39
CA ALA A 17 0.65 -11.68 0.64
C ALA A 17 -0.17 -11.55 1.92
N ILE A 18 0.44 -11.00 2.97
CA ILE A 18 -0.23 -10.80 4.26
C ILE A 18 -1.39 -9.83 4.07
N HIS A 19 -1.14 -8.81 3.26
CA HIS A 19 -2.13 -7.79 2.93
C HIS A 19 -3.28 -8.36 2.13
N ALA A 20 -2.98 -9.35 1.28
CA ALA A 20 -4.02 -9.80 0.35
C ALA A 20 -4.89 -10.91 0.91
N ALA A 21 -4.41 -11.64 1.91
CA ALA A 21 -5.02 -12.87 2.35
C ALA A 21 -4.64 -13.26 3.77
N PRO A 22 -5.51 -14.08 4.37
CA PRO A 22 -5.28 -14.57 5.71
C PRO A 22 -3.92 -15.28 5.82
N VAL A 23 -3.38 -15.25 7.04
CA VAL A 23 -2.06 -15.86 7.22
C VAL A 23 -2.11 -16.76 8.45
N ARG A 24 -1.20 -17.70 8.47
CA ARG A 24 -1.03 -18.59 9.62
C ARG A 24 0.46 -18.42 9.94
N LEU A 25 0.79 -18.06 11.17
CA LEU A 25 2.22 -17.83 11.40
C LEU A 25 2.58 -18.36 12.78
N GLN A 26 3.87 -18.63 12.87
CA GLN A 26 4.48 -18.99 14.14
C GLN A 26 5.89 -18.43 14.16
N LEU A 27 6.43 -18.19 15.34
CA LEU A 27 7.80 -17.66 15.36
C LEU A 27 8.81 -18.79 15.14
N ASP A 28 9.79 -18.46 14.31
CA ASP A 28 10.95 -19.34 14.21
C ASP A 28 11.59 -19.47 15.61
N ALA A 29 12.06 -20.68 15.95
CA ALA A 29 12.73 -20.92 17.24
C ALA A 29 13.89 -19.97 17.47
N SER A 30 14.49 -19.50 16.37
CA SER A 30 15.63 -18.60 16.54
C SER A 30 15.22 -17.25 17.10
N ALA A 31 13.93 -16.96 17.20
CA ALA A 31 13.47 -15.67 17.73
C ALA A 31 13.44 -15.69 19.25
N ALA A 32 13.24 -16.88 19.83
CA ALA A 32 13.08 -16.88 21.28
C ALA A 32 14.20 -16.28 22.09
N PRO A 33 15.47 -16.55 21.81
CA PRO A 33 16.52 -16.02 22.68
C PRO A 33 16.48 -14.51 22.89
N ALA A 34 16.39 -13.73 21.81
CA ALA A 34 16.46 -12.28 22.02
C ALA A 34 15.17 -11.76 22.66
N ILE A 35 14.03 -12.34 22.32
CA ILE A 35 12.78 -11.93 22.96
C ILE A 35 12.88 -12.15 24.45
N ASP A 36 13.31 -13.37 24.80
CA ASP A 36 13.33 -13.70 26.22
C ASP A 36 14.44 -12.97 26.97
N ALA A 37 15.54 -12.66 26.28
CA ALA A 37 16.63 -11.96 26.97
C ALA A 37 16.27 -10.51 27.24
N SER A 38 15.49 -9.86 26.36
CA SER A 38 15.18 -8.46 26.71
C SER A 38 14.15 -8.42 27.84
N VAL A 39 13.26 -9.40 27.91
CA VAL A 39 12.40 -9.52 29.09
C VAL A 39 13.25 -9.75 30.32
N ALA A 40 14.27 -10.61 30.23
CA ALA A 40 15.04 -10.88 31.47
C ALA A 40 15.78 -9.64 31.94
N CYS A 41 16.12 -8.77 31.00
CA CYS A 41 16.83 -7.53 31.29
C CYS A 41 15.92 -6.60 32.09
N VAL A 42 14.69 -6.44 31.59
CA VAL A 42 13.69 -5.68 32.34
C VAL A 42 13.48 -6.29 33.72
N GLU A 43 13.40 -7.62 33.76
CA GLU A 43 13.19 -8.30 35.03
C GLU A 43 14.33 -8.07 36.02
N GLN A 44 15.54 -7.92 35.48
CA GLN A 44 16.69 -7.74 36.35
C GLN A 44 16.74 -6.32 36.88
N ILE A 45 16.42 -5.36 36.00
CA ILE A 45 16.32 -3.97 36.45
C ILE A 45 15.34 -3.83 37.61
N ILE A 46 14.18 -4.44 37.47
CA ILE A 46 13.19 -4.41 38.55
C ILE A 46 13.71 -5.18 39.77
N ALA A 47 14.17 -6.42 39.64
CA ALA A 47 14.75 -7.18 40.74
C ALA A 47 15.75 -6.41 41.58
N GLU A 48 16.53 -5.55 40.96
CA GLU A 48 17.66 -4.83 41.52
C GLU A 48 17.27 -3.44 42.02
N ASP A 49 15.97 -3.16 41.93
CA ASP A 49 15.47 -1.85 42.32
C ASP A 49 16.27 -0.77 41.60
N ARG A 50 16.49 -0.93 40.29
CA ARG A 50 17.15 0.18 39.58
C ARG A 50 16.05 1.06 38.99
N THR A 51 16.31 2.34 38.66
CA THR A 51 15.19 3.01 37.98
C THR A 51 15.57 3.24 36.52
N ALA A 52 14.56 2.99 35.68
CA ALA A 52 14.77 3.11 34.25
C ALA A 52 13.49 3.68 33.62
N TYR A 53 13.63 4.85 33.01
CA TYR A 53 12.51 5.53 32.36
C TYR A 53 11.83 4.59 31.36
N GLY A 54 10.52 4.48 31.41
CA GLY A 54 9.74 3.70 30.45
C GLY A 54 9.81 2.22 30.71
N ILE A 55 10.50 1.83 31.80
CA ILE A 55 10.47 0.45 32.28
C ILE A 55 9.70 0.41 33.59
N ASN A 56 10.18 1.09 34.62
CA ASN A 56 9.47 0.97 35.89
C ASN A 56 9.18 2.37 36.46
N THR A 57 9.28 3.38 35.60
CA THR A 57 8.96 4.73 36.02
C THR A 57 7.50 5.08 35.71
N GLY A 58 7.09 6.23 36.24
CA GLY A 58 5.92 6.94 35.77
C GLY A 58 6.32 7.86 34.63
N PHE A 59 5.49 8.86 34.33
CA PHE A 59 5.83 9.84 33.31
C PHE A 59 5.89 11.24 33.94
N GLY A 60 6.45 12.21 33.24
CA GLY A 60 6.60 13.58 33.68
C GLY A 60 7.06 13.78 35.12
N LEU A 61 6.11 14.00 36.03
CA LEU A 61 6.42 14.13 37.44
C LEU A 61 7.28 12.96 37.90
N LEU A 62 6.83 11.78 37.48
CA LEU A 62 7.37 10.51 37.94
C LEU A 62 8.31 9.88 36.93
N ALA A 63 8.60 10.59 35.84
CA ALA A 63 9.48 10.11 34.79
C ALA A 63 10.86 9.68 35.29
N SER A 64 11.26 10.06 36.49
CA SER A 64 12.51 9.57 37.09
C SER A 64 12.20 8.91 38.43
N THR A 65 10.95 8.51 38.62
CA THR A 65 10.58 7.89 39.88
C THR A 65 10.12 6.45 39.71
N ARG A 66 10.75 5.56 40.46
CA ARG A 66 10.43 4.13 40.47
C ARG A 66 9.09 3.90 41.13
N ILE A 67 8.05 3.88 40.29
CA ILE A 67 6.67 3.61 40.69
C ILE A 67 6.55 2.29 41.42
N ALA A 68 5.64 2.15 42.39
CA ALA A 68 5.48 0.85 43.04
C ALA A 68 4.87 -0.17 42.07
N SER A 69 5.27 -1.43 42.19
CA SER A 69 4.82 -2.54 41.36
C SER A 69 3.33 -2.48 41.04
N HIS A 70 2.55 -2.16 42.07
CA HIS A 70 1.11 -2.08 42.04
C HIS A 70 0.63 -1.04 41.04
N ASP A 71 1.11 0.21 41.17
CA ASP A 71 0.63 1.20 40.19
C ASP A 71 1.32 0.95 38.84
N LEU A 72 2.45 0.26 38.86
CA LEU A 72 3.17 -0.01 37.61
C LEU A 72 2.32 -0.87 36.71
N GLU A 73 1.73 -1.91 37.33
CA GLU A 73 0.90 -2.74 36.45
C GLU A 73 -0.37 -1.98 36.08
N ASN A 74 -0.94 -1.21 37.00
CA ASN A 74 -2.14 -0.46 36.61
C ASN A 74 -1.81 0.59 35.54
N LEU A 75 -0.59 1.13 35.61
CA LEU A 75 -0.18 2.10 34.60
C LEU A 75 -0.26 1.51 33.21
N GLN A 76 -0.02 0.20 33.03
CA GLN A 76 -0.03 -0.30 31.66
C GLN A 76 -1.45 -0.26 31.10
N ARG A 77 -2.41 -0.58 31.95
CA ARG A 77 -3.79 -0.60 31.49
C ARG A 77 -4.25 0.83 31.19
N SER A 78 -3.91 1.71 32.11
CA SER A 78 -4.26 3.13 32.00
C SER A 78 -3.69 3.73 30.73
N LEU A 79 -2.47 3.40 30.34
CA LEU A 79 -1.98 3.85 29.04
C LEU A 79 -2.81 3.36 27.86
N VAL A 80 -3.14 2.07 27.80
CA VAL A 80 -3.85 1.56 26.64
C VAL A 80 -5.23 2.20 26.52
N LEU A 81 -5.94 2.25 27.65
CA LEU A 81 -7.29 2.79 27.64
C LEU A 81 -7.28 4.27 27.23
N SER A 82 -6.44 5.08 27.85
CA SER A 82 -6.36 6.51 27.59
C SER A 82 -5.82 6.82 26.20
N HIS A 83 -5.00 5.93 25.64
CA HIS A 83 -4.42 6.20 24.34
C HIS A 83 -5.33 5.74 23.22
N ALA A 84 -6.34 4.94 23.54
CA ALA A 84 -7.28 4.47 22.52
C ALA A 84 -8.34 5.57 22.34
N ALA A 85 -7.87 6.61 21.65
CA ALA A 85 -8.60 7.84 21.44
C ALA A 85 -8.68 8.17 19.95
N GLY A 86 -8.76 7.13 19.14
CA GLY A 86 -8.87 7.24 17.69
C GLY A 86 -10.32 7.46 17.28
N ILE A 87 -10.54 7.86 16.05
CA ILE A 87 -11.90 8.13 15.55
C ILE A 87 -11.96 7.90 14.05
N GLY A 88 -13.17 7.82 13.51
CA GLY A 88 -13.33 7.52 12.08
C GLY A 88 -13.68 6.07 11.82
N ALA A 89 -13.78 5.77 10.52
CA ALA A 89 -14.26 4.49 10.07
C ALA A 89 -13.31 3.39 10.54
N PRO A 90 -13.87 2.22 10.82
CA PRO A 90 -13.02 1.07 11.18
C PRO A 90 -12.15 0.70 9.98
N LEU A 91 -10.90 0.34 10.23
CA LEU A 91 -10.06 -0.23 9.18
C LEU A 91 -10.60 -1.56 8.69
N ASP A 92 -10.42 -1.89 7.41
CA ASP A 92 -10.84 -3.23 7.00
C ASP A 92 -9.94 -4.31 7.59
N ASP A 93 -10.40 -5.55 7.57
CA ASP A 93 -9.66 -6.66 8.19
C ASP A 93 -8.28 -6.80 7.54
N ASP A 94 -8.11 -6.64 6.25
CA ASP A 94 -6.80 -6.81 5.64
C ASP A 94 -5.74 -5.92 6.27
N LEU A 95 -6.11 -4.65 6.46
CA LEU A 95 -5.17 -3.69 7.02
C LEU A 95 -4.93 -3.97 8.49
N VAL A 96 -5.97 -4.31 9.24
CA VAL A 96 -5.77 -4.71 10.62
C VAL A 96 -4.81 -5.90 10.68
N ARG A 97 -5.06 -6.93 9.89
CA ARG A 97 -4.12 -8.06 9.86
C ARG A 97 -2.70 -7.55 9.59
N LEU A 98 -2.53 -6.66 8.61
CA LEU A 98 -1.16 -6.24 8.27
C LEU A 98 -0.50 -5.55 9.45
N ILE A 99 -1.24 -4.65 10.12
CA ILE A 99 -0.71 -3.98 11.30
C ILE A 99 -0.35 -4.98 12.41
N MET A 100 -1.18 -5.97 12.70
CA MET A 100 -0.85 -6.96 13.73
C MET A 100 0.46 -7.66 13.36
N VAL A 101 0.56 -8.04 12.08
CA VAL A 101 1.77 -8.80 11.71
C VAL A 101 3.02 -7.94 11.74
N LEU A 102 2.95 -6.67 11.33
CA LEU A 102 4.11 -5.82 11.51
C LEU A 102 4.45 -5.64 12.98
N LYS A 103 3.41 -5.50 13.84
CA LYS A 103 3.78 -5.32 15.26
C LYS A 103 4.45 -6.57 15.82
N ILE A 104 3.92 -7.73 15.49
CA ILE A 104 4.50 -9.00 15.92
C ILE A 104 5.95 -9.03 15.42
N ASN A 105 6.13 -8.75 14.14
CA ASN A 105 7.46 -8.76 13.54
C ASN A 105 8.43 -7.87 14.29
N SER A 106 8.05 -6.62 14.53
CA SER A 106 8.92 -5.65 15.20
C SER A 106 9.27 -6.09 16.62
N LEU A 107 8.25 -6.51 17.37
CA LEU A 107 8.44 -6.93 18.73
C LEU A 107 9.31 -8.18 18.82
N SER A 108 9.13 -9.04 17.81
CA SER A 108 9.81 -10.33 17.88
C SER A 108 11.30 -10.24 17.60
N ARG A 109 11.82 -9.08 17.23
CA ARG A 109 13.26 -8.90 17.10
C ARG A 109 13.97 -8.85 18.45
N GLY A 110 13.27 -8.73 19.57
CA GLY A 110 13.77 -8.84 20.90
C GLY A 110 14.46 -7.65 21.52
N PHE A 111 14.20 -6.43 21.05
CA PHE A 111 14.74 -5.21 21.62
C PHE A 111 13.67 -4.48 22.44
N SER A 112 12.50 -5.07 22.63
CA SER A 112 11.40 -4.38 23.28
C SER A 112 11.06 -4.81 24.69
N GLY A 113 11.56 -5.93 25.21
CA GLY A 113 11.30 -6.26 26.60
C GLY A 113 9.89 -6.67 26.93
N ILE A 114 9.19 -7.20 25.95
CA ILE A 114 7.81 -7.63 26.05
C ILE A 114 7.78 -9.15 26.06
N ARG A 115 6.94 -9.71 26.93
CA ARG A 115 6.90 -11.15 27.11
C ARG A 115 6.52 -11.89 25.84
N ARG A 116 7.18 -13.02 25.58
CA ARG A 116 6.83 -13.84 24.44
C ARG A 116 5.37 -14.23 24.49
N LYS A 117 4.78 -14.46 25.67
CA LYS A 117 3.38 -14.86 25.71
C LYS A 117 2.47 -13.79 25.12
N VAL A 118 2.88 -12.53 25.17
CA VAL A 118 1.99 -11.48 24.65
C VAL A 118 2.12 -11.41 23.14
N ILE A 119 3.35 -11.56 22.60
CA ILE A 119 3.52 -11.68 21.17
C ILE A 119 2.69 -12.86 20.66
N ASP A 120 2.78 -14.00 21.36
CA ASP A 120 2.01 -15.16 20.91
C ASP A 120 0.51 -14.94 21.01
N ALA A 121 0.05 -14.07 21.90
CA ALA A 121 -1.38 -13.75 21.96
C ALA A 121 -1.79 -13.06 20.65
N LEU A 122 -0.99 -12.07 20.24
CA LEU A 122 -1.30 -11.43 18.97
C LEU A 122 -1.23 -12.45 17.85
N ILE A 123 -0.22 -13.32 17.88
CA ILE A 123 -0.18 -14.30 16.79
C ILE A 123 -1.39 -15.21 16.77
N ALA A 124 -1.89 -15.56 17.97
CA ALA A 124 -3.11 -16.37 18.02
C ALA A 124 -4.29 -15.63 17.42
N LEU A 125 -4.39 -14.32 17.64
CA LEU A 125 -5.46 -13.54 17.00
C LEU A 125 -5.39 -13.61 15.49
N VAL A 126 -4.19 -13.30 14.96
CA VAL A 126 -4.01 -13.41 13.51
C VAL A 126 -4.39 -14.79 12.99
N ASN A 127 -3.86 -15.84 13.62
CA ASN A 127 -4.17 -17.19 13.16
C ASN A 127 -5.66 -17.50 13.22
N ALA A 128 -6.38 -16.93 14.19
CA ALA A 128 -7.80 -17.18 14.37
C ALA A 128 -8.66 -16.31 13.45
N GLU A 129 -8.01 -15.43 12.71
CA GLU A 129 -8.69 -14.45 11.87
C GLU A 129 -9.66 -13.62 12.72
N VAL A 130 -9.16 -13.18 13.87
CA VAL A 130 -9.89 -12.31 14.79
C VAL A 130 -9.23 -10.94 14.74
N TYR A 131 -9.93 -9.90 14.27
CA TYR A 131 -9.24 -8.64 14.02
C TYR A 131 -9.78 -7.46 14.83
N PRO A 132 -9.00 -6.99 15.78
CA PRO A 132 -9.41 -5.86 16.60
C PRO A 132 -9.93 -4.67 15.79
N HIS A 133 -10.95 -4.04 16.35
CA HIS A 133 -11.39 -2.75 15.81
C HIS A 133 -10.27 -1.72 15.94
N ILE A 134 -9.97 -1.03 14.86
CA ILE A 134 -9.02 0.05 14.78
C ILE A 134 -9.59 1.18 13.94
N PRO A 135 -9.82 2.35 14.53
CA PRO A 135 -10.37 3.47 13.76
C PRO A 135 -9.28 4.07 12.89
N LEU A 136 -9.70 4.65 11.79
CA LEU A 136 -8.79 5.13 10.77
C LEU A 136 -7.93 6.30 11.19
N LYS A 137 -8.46 7.26 11.94
CA LYS A 137 -7.79 8.51 12.19
C LYS A 137 -7.38 8.74 13.62
N GLY A 138 -6.42 9.66 13.78
CA GLY A 138 -5.99 10.05 15.10
C GLY A 138 -4.47 10.07 15.23
N SER A 139 -3.81 9.12 14.54
CA SER A 139 -2.36 9.10 14.73
C SER A 139 -1.65 10.21 13.96
N VAL A 140 -0.64 10.82 14.59
CA VAL A 140 0.20 11.76 13.86
C VAL A 140 1.54 11.06 13.48
N GLY A 141 1.61 9.73 13.59
CA GLY A 141 2.82 9.01 13.20
C GLY A 141 4.02 9.44 14.03
N1 MDO A 142 3.98 9.54 15.34
CA1 MDO A 142 5.01 9.84 16.31
C1 MDO A 142 4.95 9.10 17.61
CB MDO A 142 5.36 11.31 16.44
N2 MDO A 142 5.13 9.67 18.77
CA2 MDO A 142 4.98 8.69 19.69
C2 MDO A 142 4.70 7.47 18.94
O2 MDO A 142 4.51 6.35 19.44
CB2 MDO A 142 5.13 8.87 21.02
N3 MDO A 142 4.72 7.81 17.67
CA3 MDO A 142 4.39 6.86 16.65
C3 MDO A 142 2.85 6.68 16.46
O3 MDO A 142 2.14 7.68 16.71
N ASP A 143 2.30 5.51 16.34
CA ASP A 143 0.89 5.31 16.05
C ASP A 143 0.10 4.90 17.30
N LEU A 144 0.18 5.77 18.30
CA LEU A 144 -0.33 5.52 19.64
C LEU A 144 -1.80 5.11 19.64
N ALA A 145 -2.64 5.89 18.95
CA ALA A 145 -4.08 5.56 19.04
C ALA A 145 -4.45 4.24 18.37
N PRO A 146 -4.16 4.02 17.10
CA PRO A 146 -4.57 2.77 16.46
C PRO A 146 -3.90 1.57 17.12
N LEU A 147 -2.64 1.67 17.55
CA LEU A 147 -2.02 0.54 18.26
C LEU A 147 -2.69 0.30 19.61
N ALA A 148 -3.18 1.37 20.25
CA ALA A 148 -3.87 1.18 21.52
C ALA A 148 -5.19 0.46 21.26
N HIS A 149 -5.91 0.87 20.20
CA HIS A 149 -7.17 0.20 19.91
C HIS A 149 -6.94 -1.29 19.70
N MET A 150 -5.88 -1.59 18.93
CA MET A 150 -5.55 -2.99 18.68
C MET A 150 -5.31 -3.74 19.98
N SER A 151 -4.54 -3.13 20.86
CA SER A 151 -4.11 -3.70 22.13
C SER A 151 -5.28 -3.86 23.10
N LEU A 152 -6.34 -3.07 22.92
CA LEU A 152 -7.49 -3.22 23.81
C LEU A 152 -8.01 -4.64 23.91
N VAL A 153 -8.05 -5.31 22.75
CA VAL A 153 -8.62 -6.67 22.77
C VAL A 153 -7.80 -7.59 23.66
N LEU A 154 -6.48 -7.46 23.64
CA LEU A 154 -5.63 -8.31 24.48
C LEU A 154 -6.03 -8.24 25.95
N LEU A 155 -6.48 -7.05 26.34
CA LEU A 155 -6.87 -6.83 27.72
C LEU A 155 -8.33 -7.17 27.99
N GLY A 156 -9.07 -7.64 26.98
CA GLY A 156 -10.49 -7.89 27.22
C GLY A 156 -11.36 -6.65 27.05
N GLU A 157 -10.86 -5.64 26.37
CA GLU A 157 -11.59 -4.41 26.08
C GLU A 157 -11.74 -4.16 24.59
N GLY A 158 -12.59 -3.18 24.22
CA GLY A 158 -12.73 -2.90 22.79
C GLY A 158 -13.58 -3.98 22.13
N LYS A 159 -13.35 -4.18 20.84
CA LYS A 159 -14.14 -5.21 20.14
C LYS A 159 -13.33 -5.70 18.95
N ALA A 160 -13.77 -6.76 18.31
CA ALA A 160 -13.00 -7.37 17.23
C ALA A 160 -13.95 -8.00 16.22
N ARG A 161 -13.51 -8.02 14.97
CA ARG A 161 -14.25 -8.64 13.88
C ARG A 161 -13.90 -10.10 13.69
N TYR A 162 -14.94 -10.92 13.55
CA TYR A 162 -14.70 -12.33 13.22
C TYR A 162 -15.70 -12.73 12.17
N LYS A 163 -15.31 -13.28 11.03
CA LYS A 163 -16.21 -13.64 9.95
C LYS A 163 -17.17 -12.50 9.63
N GLY A 164 -16.69 -11.27 9.63
CA GLY A 164 -17.40 -10.08 9.24
C GLY A 164 -18.37 -9.52 10.22
N GLN A 165 -18.36 -9.99 11.48
CA GLN A 165 -19.25 -9.47 12.49
C GLN A 165 -18.48 -9.07 13.75
N TRP A 166 -18.94 -8.02 14.44
CA TRP A 166 -18.29 -7.55 15.65
C TRP A 166 -18.63 -8.44 16.85
N LEU A 167 -17.60 -8.82 17.59
CA LEU A 167 -17.67 -9.62 18.79
C LEU A 167 -17.14 -8.81 19.97
N SER A 168 -17.65 -9.10 21.17
CA SER A 168 -17.05 -8.49 22.35
C SER A 168 -15.59 -8.95 22.47
N ALA A 169 -14.79 -8.23 23.26
CA ALA A 169 -13.38 -8.65 23.29
C ALA A 169 -13.22 -10.03 23.93
N THR A 170 -14.01 -10.28 24.96
CA THR A 170 -14.02 -11.56 25.66
C THR A 170 -14.35 -12.72 24.72
N GLU A 171 -15.44 -12.55 24.00
CA GLU A 171 -15.89 -13.41 22.91
C GLU A 171 -14.80 -13.63 21.87
N ALA A 172 -14.11 -12.55 21.47
CA ALA A 172 -13.11 -12.66 20.41
C ALA A 172 -11.87 -13.37 20.93
N LEU A 173 -11.49 -13.03 22.17
CA LEU A 173 -10.34 -13.74 22.74
C LEU A 173 -10.63 -15.24 22.76
N ALA A 174 -11.84 -15.62 23.12
CA ALA A 174 -12.16 -17.03 23.29
C ALA A 174 -12.10 -17.79 21.97
N VAL A 175 -12.49 -17.08 20.91
CA VAL A 175 -12.42 -17.65 19.56
C VAL A 175 -10.98 -18.04 19.25
N ALA A 176 -10.05 -17.20 19.72
CA ALA A 176 -8.64 -17.47 19.47
C ALA A 176 -7.99 -18.36 20.52
N GLY A 177 -8.74 -18.93 21.44
CA GLY A 177 -8.10 -19.75 22.47
C GLY A 177 -7.47 -18.94 23.59
N LEU A 178 -7.80 -17.65 23.70
CA LEU A 178 -7.16 -16.83 24.72
C LEU A 178 -8.06 -16.35 25.85
N GLU A 179 -7.47 -15.93 26.95
CA GLU A 179 -8.16 -15.16 27.98
C GLU A 179 -7.52 -13.77 28.11
N PRO A 180 -8.18 -12.80 28.73
CA PRO A 180 -7.56 -11.47 28.87
C PRO A 180 -6.20 -11.56 29.54
N LEU A 181 -5.27 -10.78 29.02
CA LEU A 181 -3.92 -10.66 29.57
C LEU A 181 -3.83 -9.45 30.49
N THR A 182 -2.88 -9.47 31.38
CA THR A 182 -2.48 -8.35 32.21
C THR A 182 -1.06 -7.94 31.84
N LEU A 183 -0.86 -6.71 31.39
CA LEU A 183 0.47 -6.28 30.92
C LEU A 183 1.44 -6.03 32.07
N ALA A 184 2.72 -6.24 31.79
CA ALA A 184 3.81 -6.01 32.71
C ALA A 184 4.59 -4.74 32.37
N ALA A 185 5.62 -4.45 33.15
CA ALA A 185 6.51 -3.33 32.91
C ALA A 185 6.93 -3.26 31.45
N LYS A 186 6.88 -2.07 30.88
CA LYS A 186 7.36 -1.75 29.53
C LYS A 186 6.41 -2.24 28.45
N GLU A 187 5.47 -3.13 28.76
CA GLU A 187 4.67 -3.67 27.65
C GLU A 187 3.64 -2.70 27.10
N GLY A 188 3.11 -1.79 27.91
CA GLY A 188 2.29 -0.71 27.39
C GLY A 188 3.00 0.08 26.31
N LEU A 189 4.19 0.59 26.59
CA LEU A 189 4.95 1.31 25.57
C LEU A 189 5.34 0.40 24.41
N ALA A 190 5.66 -0.87 24.67
CA ALA A 190 6.08 -1.72 23.56
C ALA A 190 4.98 -1.87 22.53
N LEU A 191 3.73 -1.98 23.01
CA LEU A 191 2.60 -2.13 22.10
C LEU A 191 2.19 -0.80 21.47
N LEU A 192 2.18 0.28 22.24
CA LEU A 192 1.64 1.56 21.77
C LEU A 192 2.61 2.39 20.95
N ASN A 193 3.90 2.45 21.28
CA ASN A 193 4.85 3.17 20.45
C ASN A 193 5.17 2.29 19.25
N GLY A 194 5.20 2.87 18.07
CA GLY A 194 5.60 2.08 16.89
C GLY A 194 5.16 2.80 15.63
N THR A 195 5.55 2.28 14.46
CA THR A 195 5.10 2.98 13.25
C THR A 195 4.27 2.06 12.37
N GLN A 196 3.69 1.00 12.95
CA GLN A 196 3.07 -0.03 12.12
C GLN A 196 1.82 0.43 11.40
N ALA A 197 1.04 1.31 12.02
CA ALA A 197 -0.15 1.76 11.27
C ALA A 197 0.28 2.64 10.09
N SER A 198 1.17 3.60 10.32
CA SER A 198 1.75 4.44 9.27
C SER A 198 2.29 3.59 8.12
N THR A 199 3.04 2.57 8.51
CA THR A 199 3.69 1.68 7.55
C THR A 199 2.69 0.84 6.77
N ALA A 200 1.68 0.30 7.45
CA ALA A 200 0.62 -0.47 6.80
C ALA A 200 -0.15 0.42 5.82
N TYR A 201 -0.47 1.65 6.24
CA TYR A 201 -1.21 2.52 5.33
C TYR A 201 -0.40 2.76 4.06
N ALA A 202 0.90 3.01 4.22
CA ALA A 202 1.74 3.33 3.06
C ALA A 202 2.03 2.09 2.21
N LEU A 203 2.20 0.92 2.85
CA LEU A 203 2.35 -0.31 2.08
C LEU A 203 1.14 -0.56 1.19
N ARG A 204 -0.06 -0.36 1.74
CA ARG A 204 -1.24 -0.47 0.90
C ARG A 204 -1.14 0.46 -0.30
N GLY A 205 -0.76 1.71 -0.09
CA GLY A 205 -0.53 2.64 -1.18
C GLY A 205 0.47 2.09 -2.19
N LEU A 206 1.54 1.47 -1.68
CA LEU A 206 2.56 0.96 -2.60
C LEU A 206 1.98 -0.17 -3.45
N PHE A 207 1.34 -1.13 -2.81
CA PHE A 207 0.77 -2.25 -3.54
C PHE A 207 -0.24 -1.78 -4.59
N TYR A 208 -1.07 -0.80 -4.25
CA TYR A 208 -1.97 -0.22 -5.23
C TYR A 208 -1.20 0.45 -6.37
N ALA A 209 -0.19 1.26 -6.09
CA ALA A 209 0.66 1.90 -7.08
C ALA A 209 1.26 0.85 -8.02
N GLU A 210 1.77 -0.24 -7.43
CA GLU A 210 2.33 -1.30 -8.26
C GLU A 210 1.27 -1.92 -9.18
N ASP A 211 0.12 -2.22 -8.62
CA ASP A 211 -1.00 -2.79 -9.36
C ASP A 211 -1.33 -1.89 -10.56
N LEU A 212 -1.41 -0.59 -10.25
CA LEU A 212 -1.72 0.39 -11.28
C LEU A 212 -0.62 0.51 -12.34
N TYR A 213 0.64 0.49 -11.95
CA TYR A 213 1.77 0.48 -12.87
C TYR A 213 1.58 -0.67 -13.85
N ALA A 214 1.41 -1.89 -13.33
CA ALA A 214 1.33 -3.04 -14.23
C ALA A 214 0.15 -2.89 -15.19
N ALA A 215 -1.01 -2.50 -14.66
CA ALA A 215 -2.15 -2.29 -15.54
C ALA A 215 -1.85 -1.22 -16.59
N ALA A 216 -1.16 -0.15 -16.25
CA ALA A 216 -0.92 0.94 -17.17
C ALA A 216 0.00 0.55 -18.32
N ILE A 217 0.91 -0.41 -18.08
CA ILE A 217 1.76 -0.85 -19.19
C ILE A 217 0.87 -1.57 -20.21
N ALA A 218 -0.04 -2.44 -19.76
CA ALA A 218 -0.90 -3.14 -20.69
C ALA A 218 -1.85 -2.17 -21.38
N CYS A 219 -2.44 -1.24 -20.64
CA CYS A 219 -3.42 -0.33 -21.25
C CYS A 219 -2.77 0.59 -22.26
N GLY A 220 -1.61 1.14 -21.83
CA GLY A 220 -0.81 1.98 -22.71
C GLY A 220 -0.39 1.26 -23.98
N GLY A 221 -0.04 -0.02 -23.87
CA GLY A 221 0.26 -0.81 -25.06
C GLY A 221 -0.95 -0.97 -25.96
N LEU A 222 -2.09 -1.25 -25.35
CA LEU A 222 -3.30 -1.35 -26.15
C LEU A 222 -3.59 -0.02 -26.84
N SER A 223 -3.37 1.10 -26.13
CA SER A 223 -3.64 2.37 -26.84
C SER A 223 -2.69 2.67 -27.97
N VAL A 224 -1.41 2.38 -27.80
CA VAL A 224 -0.44 2.51 -28.90
C VAL A 224 -0.95 1.78 -30.13
N GLU A 225 -1.42 0.55 -29.90
CA GLU A 225 -1.89 -0.27 -31.02
C GLU A 225 -3.17 0.27 -31.65
N ALA A 226 -4.08 0.73 -30.80
CA ALA A 226 -5.37 1.24 -31.26
C ALA A 226 -5.22 2.43 -32.19
N VAL A 227 -4.19 3.26 -31.98
CA VAL A 227 -4.05 4.47 -32.78
C VAL A 227 -2.91 4.33 -33.79
N LEU A 228 -2.45 3.10 -34.02
CA LEU A 228 -1.42 2.84 -35.02
C LEU A 228 -0.12 3.56 -34.70
N GLY A 229 0.20 3.56 -33.40
CA GLY A 229 1.47 4.07 -32.91
C GLY A 229 2.65 3.15 -33.21
N SER A 230 3.82 3.72 -32.97
CA SER A 230 5.08 3.08 -33.29
C SER A 230 5.69 2.37 -32.09
N ARG A 231 6.42 1.30 -32.41
CA ARG A 231 7.22 0.61 -31.41
C ARG A 231 8.60 1.19 -31.27
N SER A 232 9.02 2.01 -32.23
CA SER A 232 10.37 2.59 -32.12
C SER A 232 10.65 3.33 -30.83
N PRO A 233 9.75 4.11 -30.25
CA PRO A 233 10.13 4.79 -29.01
C PRO A 233 10.53 3.85 -27.86
N PHE A 234 10.25 2.56 -27.96
CA PHE A 234 10.58 1.60 -26.92
C PHE A 234 11.94 0.92 -27.18
N ASP A 235 12.62 1.26 -28.26
CA ASP A 235 13.96 0.72 -28.58
C ASP A 235 14.89 0.84 -27.39
N ALA A 236 15.49 -0.30 -27.01
CA ALA A 236 16.36 -0.35 -25.84
C ALA A 236 17.49 0.66 -25.91
N ARG A 237 17.95 0.97 -27.11
CA ARG A 237 19.11 1.83 -27.25
C ARG A 237 18.81 3.22 -26.73
N ILE A 238 17.53 3.60 -26.89
CA ILE A 238 17.19 4.96 -26.47
C ILE A 238 17.32 5.15 -24.97
N HIS A 239 16.80 4.11 -24.29
CA HIS A 239 16.68 4.13 -22.83
C HIS A 239 18.03 3.90 -22.18
N GLU A 240 18.83 3.01 -22.77
CA GLU A 240 20.21 2.83 -22.34
C GLU A 240 21.00 4.13 -22.42
N ALA A 241 20.76 4.90 -23.50
CA ALA A 241 21.48 6.15 -23.69
C ALA A 241 21.04 7.19 -22.66
N ARG A 242 19.79 7.10 -22.20
CA ARG A 242 19.45 8.05 -21.14
C ARG A 242 20.02 7.61 -19.80
N GLY A 243 20.04 6.29 -19.52
CA GLY A 243 20.67 5.86 -18.27
C GLY A 243 19.79 5.64 -17.06
N GLN A 244 18.54 6.11 -17.12
CA GLN A 244 17.60 5.98 -15.99
C GLN A 244 17.08 4.56 -15.92
N ARG A 245 17.31 3.93 -14.77
CA ARG A 245 16.96 2.51 -14.66
C ARG A 245 15.46 2.26 -14.70
N GLY A 246 14.68 3.17 -14.11
CA GLY A 246 13.24 2.91 -14.12
C GLY A 246 12.72 2.90 -15.55
N GLN A 247 13.19 3.83 -16.35
CA GLN A 247 12.77 3.98 -17.74
C GLN A 247 13.27 2.80 -18.57
N ILE A 248 14.49 2.33 -18.25
CA ILE A 248 15.02 1.17 -18.97
C ILE A 248 14.16 -0.05 -18.70
N ASP A 249 13.80 -0.26 -17.43
CA ASP A 249 13.03 -1.45 -17.05
C ASP A 249 11.62 -1.32 -17.64
N THR A 250 11.17 -0.07 -17.63
CA THR A 250 9.85 0.24 -18.17
C THR A 250 9.74 -0.07 -19.65
N ALA A 251 10.66 0.46 -20.45
CA ALA A 251 10.69 0.20 -21.88
C ALA A 251 10.78 -1.31 -22.12
N ALA A 252 11.54 -2.02 -21.29
CA ALA A 252 11.66 -3.46 -21.48
C ALA A 252 10.32 -4.17 -21.29
N CYS A 253 9.52 -3.63 -20.36
CA CYS A 253 8.18 -4.19 -20.14
C CYS A 253 7.30 -3.93 -21.34
N PHE A 254 7.34 -2.72 -21.87
CA PHE A 254 6.56 -2.44 -23.09
C PHE A 254 6.98 -3.35 -24.23
N ARG A 255 8.28 -3.60 -24.42
CA ARG A 255 8.73 -4.44 -25.53
C ARG A 255 8.21 -5.86 -25.33
N ASP A 256 8.31 -6.32 -24.10
CA ASP A 256 7.80 -7.68 -23.83
C ASP A 256 6.33 -7.79 -24.19
N LEU A 257 5.51 -6.82 -23.78
CA LEU A 257 4.08 -6.95 -24.06
C LEU A 257 3.76 -6.72 -25.54
N LEU A 258 4.41 -5.75 -26.16
CA LEU A 258 4.06 -5.37 -27.52
C LEU A 258 4.66 -6.29 -28.57
N GLY A 259 5.87 -6.79 -28.29
CA GLY A 259 6.66 -7.50 -29.27
C GLY A 259 7.17 -6.63 -30.38
N ASP A 260 7.87 -7.26 -31.34
CA ASP A 260 8.51 -6.47 -32.38
C ASP A 260 7.51 -5.93 -33.40
N SER A 261 6.40 -6.63 -33.58
CA SER A 261 5.36 -6.28 -34.51
C SER A 261 4.12 -7.11 -34.19
N SER A 262 2.99 -6.70 -34.78
CA SER A 262 1.74 -7.44 -34.55
C SER A 262 0.94 -7.38 -35.83
N GLU A 263 -0.16 -8.10 -35.93
CA GLU A 263 -0.91 -8.02 -37.19
C GLU A 263 -1.39 -6.58 -37.39
N VAL A 264 -1.80 -5.92 -36.29
CA VAL A 264 -2.20 -4.51 -36.46
C VAL A 264 -1.04 -3.66 -36.94
N SER A 265 0.15 -3.77 -36.34
CA SER A 265 1.26 -2.90 -36.75
C SER A 265 1.70 -3.19 -38.18
N LEU A 266 1.80 -4.47 -38.51
CA LEU A 266 2.22 -4.87 -39.86
C LEU A 266 1.23 -4.41 -40.93
N SER A 267 -0.06 -4.42 -40.61
CA SER A 267 -1.09 -4.12 -41.61
C SER A 267 -1.14 -2.63 -41.91
N HIS A 268 -0.32 -1.84 -41.20
CA HIS A 268 -0.25 -0.40 -41.46
C HIS A 268 1.21 -0.07 -41.78
N LYS A 269 1.77 -0.96 -42.56
CA LYS A 269 3.07 -1.03 -43.20
C LYS A 269 4.01 0.11 -42.79
N ASN A 270 3.55 1.34 -43.03
CA ASN A 270 4.26 2.56 -42.69
C ASN A 270 3.50 3.37 -41.66
N ALA A 271 3.91 3.27 -40.41
CA ALA A 271 3.24 3.99 -39.33
C ALA A 271 4.13 5.08 -38.74
N ASP A 272 5.34 5.21 -39.28
CA ASP A 272 6.28 6.22 -38.81
C ASP A 272 6.03 7.56 -39.49
N LYS A 273 6.15 7.58 -40.81
CA LYS A 273 5.94 8.79 -41.60
C LYS A 273 5.34 9.90 -40.74
N VAL A 274 4.99 9.57 -39.50
CA VAL A 274 4.40 10.55 -38.59
C VAL A 274 4.67 10.18 -37.12
N GLN A 275 4.89 11.24 -36.35
CA GLN A 275 5.32 11.14 -34.96
C GLN A 275 4.13 10.95 -34.03
N ASP A 276 4.39 10.09 -33.03
CA ASP A 276 3.42 9.83 -31.99
C ASP A 276 3.45 10.93 -30.94
N PRO A 277 2.27 11.27 -30.43
CA PRO A 277 2.20 12.19 -29.30
C PRO A 277 2.95 11.63 -28.08
N PHE A 278 3.37 12.60 -27.25
CA PHE A 278 4.10 12.33 -26.04
C PHE A 278 3.34 11.36 -25.12
N SER A 279 2.02 11.36 -25.05
CA SER A 279 1.37 10.44 -24.12
C SER A 279 1.62 8.98 -24.51
N LEU A 280 2.00 8.76 -25.76
CA LEU A 280 2.42 7.43 -26.20
C LEU A 280 3.94 7.27 -26.14
N ARG A 281 4.62 8.17 -26.82
CA ARG A 281 6.04 8.11 -27.11
C ARG A 281 6.91 8.37 -25.89
N CYS A 282 6.37 9.05 -24.90
CA CYS A 282 7.15 9.33 -23.67
C CYS A 282 6.71 8.44 -22.53
N GLN A 283 5.94 7.38 -22.84
CA GLN A 283 5.60 6.39 -21.82
C GLN A 283 6.83 5.86 -21.10
N PRO A 284 7.91 5.46 -21.77
CA PRO A 284 9.05 4.96 -20.97
C PRO A 284 9.60 5.99 -20.01
N GLN A 285 9.66 7.26 -20.41
CA GLN A 285 10.24 8.31 -19.57
C GLN A 285 9.33 8.67 -18.41
N VAL A 286 8.02 8.72 -18.66
CA VAL A 286 7.09 9.12 -17.61
C VAL A 286 6.81 7.94 -16.68
N MET A 287 6.46 6.80 -17.23
CA MET A 287 6.19 5.62 -16.41
C MET A 287 7.47 5.19 -15.72
N GLY A 288 8.60 5.36 -16.40
CA GLY A 288 9.89 5.01 -15.77
C GLY A 288 10.09 5.89 -14.55
N ALA A 289 9.79 7.20 -14.65
CA ALA A 289 10.02 8.03 -13.44
C ALA A 289 9.16 7.55 -12.28
N CYS A 290 7.94 7.14 -12.62
CA CYS A 290 6.99 6.62 -11.66
C CYS A 290 7.54 5.34 -11.01
N LEU A 291 8.15 4.50 -11.86
CA LEU A 291 8.71 3.26 -11.32
C LEU A 291 9.83 3.59 -10.35
N THR A 292 10.71 4.54 -10.70
CA THR A 292 11.77 4.87 -9.75
C THR A 292 11.25 5.38 -8.42
N GLN A 293 10.31 6.30 -8.53
CA GLN A 293 9.63 6.84 -7.35
C GLN A 293 9.05 5.70 -6.53
N LEU A 294 8.40 4.71 -7.16
CA LEU A 294 7.79 3.75 -6.25
C LEU A 294 8.82 2.77 -5.68
N ARG A 295 9.89 2.49 -6.40
CA ARG A 295 11.00 1.73 -5.84
C ARG A 295 11.68 2.47 -4.69
N GLN A 296 11.91 3.78 -4.77
CA GLN A 296 12.42 4.55 -3.64
C GLN A 296 11.54 4.42 -2.40
N ALA A 297 10.22 4.52 -2.58
CA ALA A 297 9.27 4.37 -1.49
C ALA A 297 9.34 2.96 -0.89
N ALA A 298 9.38 1.98 -1.80
CA ALA A 298 9.35 0.59 -1.37
C ALA A 298 10.60 0.23 -0.57
N GLU A 299 11.76 0.76 -0.93
CA GLU A 299 12.98 0.47 -0.16
C GLU A 299 12.79 0.95 1.27
N VAL A 300 12.23 2.15 1.43
CA VAL A 300 12.04 2.69 2.78
C VAL A 300 10.99 1.94 3.56
N LEU A 301 9.88 1.60 2.91
CA LEU A 301 8.81 0.86 3.58
C LEU A 301 9.20 -0.59 3.85
N GLY A 302 10.03 -1.20 3.02
CA GLY A 302 10.43 -2.59 3.31
C GLY A 302 11.31 -2.65 4.56
N ILE A 303 12.22 -1.69 4.67
CA ILE A 303 13.00 -1.53 5.89
C ILE A 303 12.09 -1.27 7.08
N GLU A 304 11.15 -0.32 6.94
CA GLU A 304 10.32 -0.01 8.12
C GLU A 304 9.41 -1.14 8.56
N ALA A 305 8.97 -2.01 7.64
CA ALA A 305 8.14 -3.15 8.04
C ALA A 305 8.88 -4.07 9.01
N ASN A 306 10.19 -3.99 9.00
CA ASN A 306 11.05 -4.82 9.86
C ASN A 306 11.71 -4.10 11.01
N ALA A 307 11.47 -2.79 11.11
CA ALA A 307 12.12 -1.97 12.11
C ALA A 307 11.65 -2.18 13.54
N VAL A 308 12.61 -2.02 14.47
CA VAL A 308 12.30 -1.87 15.88
C VAL A 308 11.84 -0.43 16.10
N SER A 309 10.53 -0.22 16.27
CA SER A 309 10.04 1.14 16.28
C SER A 309 9.43 1.58 17.60
N ASP A 310 9.48 0.78 18.65
CA ASP A 310 8.98 1.23 19.96
C ASP A 310 10.09 1.97 20.71
N ASN A 311 9.88 2.19 21.99
CA ASN A 311 10.71 3.02 22.86
C ASN A 311 10.32 2.86 24.32
N PRO A 312 11.21 2.89 25.30
CA PRO A 312 12.65 2.87 25.09
C PRO A 312 13.07 1.47 24.64
N LEU A 313 14.25 1.37 24.06
CA LEU A 313 14.70 0.06 23.59
C LEU A 313 15.66 -0.60 24.58
N VAL A 314 15.59 -1.93 24.54
CA VAL A 314 16.30 -2.74 25.52
C VAL A 314 17.44 -3.47 24.83
N PHE A 315 18.64 -3.20 25.31
CA PHE A 315 19.84 -3.78 24.71
C PHE A 315 20.44 -4.75 25.73
N ALA A 316 19.85 -5.95 25.78
CA ALA A 316 20.14 -6.93 26.82
C ALA A 316 21.60 -7.36 26.81
N ALA A 317 22.23 -7.48 25.65
CA ALA A 317 23.65 -7.80 25.56
C ALA A 317 24.53 -6.86 26.38
N GLU A 318 24.19 -5.58 26.45
CA GLU A 318 24.95 -4.61 27.24
C GLU A 318 24.30 -4.31 28.58
N GLY A 319 23.03 -4.66 28.74
CA GLY A 319 22.32 -4.29 29.95
C GLY A 319 21.75 -2.89 29.91
N ASP A 320 21.78 -2.22 28.75
CA ASP A 320 21.34 -0.84 28.65
C ASP A 320 19.90 -0.71 28.17
N VAL A 321 19.20 0.28 28.72
CA VAL A 321 17.86 0.62 28.17
C VAL A 321 17.96 2.07 27.73
N ILE A 322 17.52 2.40 26.53
CA ILE A 322 17.78 3.73 25.99
C ILE A 322 16.55 4.33 25.32
N SER A 323 16.28 5.55 25.75
CA SER A 323 15.20 6.31 25.14
C SER A 323 15.69 7.07 23.91
N GLY A 324 15.04 6.79 22.78
CA GLY A 324 15.29 7.39 21.49
C GLY A 324 13.99 7.87 20.83
N GLY A 325 13.98 7.85 19.49
CA GLY A 325 12.80 8.36 18.79
C GLY A 325 12.42 7.51 17.61
N ASN A 326 12.54 6.18 17.67
CA ASN A 326 12.28 5.40 16.45
C ASN A 326 10.80 5.34 16.07
N PHE A 327 9.92 5.76 16.97
CA PHE A 327 8.49 5.83 16.69
C PHE A 327 8.19 6.96 15.71
N HIS A 328 9.18 7.82 15.43
CA HIS A 328 8.87 8.96 14.57
C HIS A 328 8.86 8.49 13.13
N ALA A 329 7.70 8.52 12.50
CA ALA A 329 7.52 7.93 11.18
C ALA A 329 7.82 8.87 10.03
N GLU A 330 8.61 9.92 10.19
CA GLU A 330 9.02 10.79 9.09
C GLU A 330 9.40 10.05 7.81
N PRO A 331 10.22 8.99 7.80
CA PRO A 331 10.57 8.38 6.51
C PRO A 331 9.36 7.74 5.84
N VAL A 332 8.41 7.23 6.64
CA VAL A 332 7.18 6.70 6.03
C VAL A 332 6.35 7.81 5.40
N ALA A 333 6.25 8.94 6.14
CA ALA A 333 5.42 10.00 5.52
C ALA A 333 6.00 10.51 4.23
N MET A 334 7.33 10.59 4.13
CA MET A 334 7.90 11.02 2.84
C MET A 334 7.74 9.95 1.78
N ALA A 335 7.84 8.68 2.17
CA ALA A 335 7.64 7.60 1.21
C ALA A 335 6.23 7.68 0.63
N ALA A 336 5.26 7.98 1.50
CA ALA A 336 3.87 8.03 1.04
C ALA A 336 3.68 9.23 0.09
N ASP A 337 4.24 10.37 0.49
CA ASP A 337 4.18 11.55 -0.39
C ASP A 337 4.85 11.25 -1.72
N ASN A 338 5.96 10.50 -1.70
CA ASN A 338 6.58 10.04 -2.94
C ASN A 338 5.61 9.20 -3.75
N LEU A 339 4.95 8.21 -3.17
CA LEU A 339 4.02 7.39 -3.96
C LEU A 339 2.89 8.24 -4.56
N ALA A 340 2.54 9.34 -3.90
CA ALA A 340 1.47 10.19 -4.45
C ALA A 340 1.85 10.69 -5.83
N LEU A 341 3.09 11.18 -6.00
CA LEU A 341 3.47 11.62 -7.33
C LEU A 341 3.37 10.50 -8.38
N ALA A 342 3.74 9.26 -8.03
CA ALA A 342 3.67 8.21 -9.03
C ALA A 342 2.23 7.83 -9.38
N ILE A 343 1.38 7.78 -8.36
CA ILE A 343 0.00 7.40 -8.68
C ILE A 343 -0.65 8.51 -9.51
N ALA A 344 -0.37 9.75 -9.12
CA ALA A 344 -0.89 10.87 -9.90
C ALA A 344 -0.47 10.84 -11.37
N GLU A 345 0.83 10.62 -11.58
CA GLU A 345 1.34 10.78 -12.94
C GLU A 345 0.98 9.57 -13.78
N ILE A 346 0.79 8.38 -13.21
CA ILE A 346 0.29 7.27 -14.03
C ILE A 346 -1.07 7.62 -14.61
N GLY A 347 -1.88 8.23 -13.73
CA GLY A 347 -3.24 8.61 -14.15
C GLY A 347 -3.27 9.76 -15.14
N SER A 348 -2.39 10.74 -14.94
CA SER A 348 -2.28 11.88 -15.82
C SER A 348 -1.94 11.43 -17.24
N LEU A 349 -0.93 10.55 -17.35
CA LEU A 349 -0.51 10.11 -18.68
C LEU A 349 -1.62 9.30 -19.35
N SER A 350 -2.31 8.46 -18.57
CA SER A 350 -3.37 7.64 -19.16
C SER A 350 -4.52 8.53 -19.63
N GLU A 351 -4.88 9.52 -18.82
CA GLU A 351 -5.95 10.43 -19.24
C GLU A 351 -5.55 11.07 -20.54
N ARG A 352 -4.32 11.51 -20.77
CA ARG A 352 -4.02 12.15 -22.04
C ARG A 352 -4.09 11.10 -23.15
N ARG A 353 -3.78 9.82 -22.87
CA ARG A 353 -4.03 8.82 -23.91
C ARG A 353 -5.48 8.66 -24.26
N ILE A 354 -6.35 8.67 -23.26
CA ILE A 354 -7.79 8.59 -23.51
C ILE A 354 -8.22 9.78 -24.35
N SER A 355 -7.73 10.96 -23.95
CA SER A 355 -8.14 12.12 -24.78
C SER A 355 -7.66 12.00 -26.22
N LEU A 356 -6.46 11.46 -26.47
CA LEU A 356 -5.97 11.21 -27.83
C LEU A 356 -6.95 10.33 -28.60
N MET A 357 -7.39 9.25 -27.97
CA MET A 357 -8.29 8.29 -28.63
C MET A 357 -9.66 8.92 -28.93
N MET A 358 -10.02 10.04 -28.29
CA MET A 358 -11.31 10.64 -28.63
C MET A 358 -11.22 11.55 -29.85
N ASP A 359 -9.98 11.91 -30.18
CA ASP A 359 -9.74 12.97 -31.16
C ASP A 359 -9.48 12.38 -32.54
N LYS A 360 -10.45 12.56 -33.42
CA LYS A 360 -10.39 12.02 -34.75
C LYS A 360 -9.15 12.48 -35.52
N HIS A 361 -8.53 13.57 -35.12
CA HIS A 361 -7.43 14.13 -35.87
C HIS A 361 -6.11 13.51 -35.44
N MET A 362 -6.15 12.79 -34.31
CA MET A 362 -4.98 12.11 -33.83
C MET A 362 -5.15 10.59 -33.73
N SER A 363 -6.35 10.05 -33.64
CA SER A 363 -6.56 8.64 -33.36
C SER A 363 -6.58 7.73 -34.58
N GLN A 364 -6.82 8.32 -35.75
CA GLN A 364 -7.19 7.50 -36.92
C GLN A 364 -8.36 6.58 -36.63
N LEU A 365 -9.27 7.00 -35.77
CA LEU A 365 -10.50 6.29 -35.45
C LEU A 365 -11.67 7.29 -35.56
N PRO A 366 -12.90 6.80 -35.59
CA PRO A 366 -14.07 7.69 -35.52
C PRO A 366 -14.06 8.55 -34.26
N PRO A 367 -14.62 9.76 -34.32
CA PRO A 367 -14.62 10.64 -33.16
C PRO A 367 -15.28 9.92 -31.98
N PHE A 368 -14.66 10.05 -30.81
CA PHE A 368 -15.13 9.41 -29.60
C PHE A 368 -15.43 7.91 -29.73
N LEU A 369 -14.81 7.25 -30.71
CA LEU A 369 -14.75 5.81 -30.84
C LEU A 369 -16.10 5.16 -31.09
N VAL A 370 -16.96 5.87 -31.83
CA VAL A 370 -18.29 5.35 -32.07
C VAL A 370 -18.70 5.72 -33.50
N GLU A 371 -19.37 4.75 -34.10
CA GLU A 371 -20.04 4.83 -35.39
C GLU A 371 -21.22 5.80 -35.34
N ASN A 372 -21.51 6.52 -36.41
CA ASN A 372 -22.63 7.44 -36.54
C ASN A 372 -22.64 8.49 -35.43
N GLY A 373 -21.57 9.26 -35.30
CA GLY A 373 -21.44 10.16 -34.17
C GLY A 373 -22.38 11.33 -34.17
N GLY A 374 -23.05 11.61 -35.29
CA GLY A 374 -23.93 12.78 -35.30
C GLY A 374 -25.01 12.67 -34.24
N VAL A 375 -25.36 11.42 -33.91
CA VAL A 375 -26.44 11.22 -32.92
C VAL A 375 -26.01 10.24 -31.84
N ASN A 376 -24.75 9.79 -31.89
CA ASN A 376 -24.21 8.94 -30.83
C ASN A 376 -23.03 9.68 -30.20
N SER A 377 -22.90 9.57 -28.89
CA SER A 377 -21.88 10.30 -28.15
C SER A 377 -20.66 9.43 -27.84
N GLY A 378 -20.91 8.12 -27.84
CA GLY A 378 -19.81 7.16 -27.66
C GLY A 378 -19.08 7.40 -26.36
N PHE A 379 -17.74 7.50 -26.42
CA PHE A 379 -16.95 7.58 -25.19
C PHE A 379 -16.77 8.99 -24.65
N MET A 380 -17.39 9.99 -25.26
CA MET A 380 -17.22 11.39 -24.89
C MET A 380 -17.25 11.67 -23.39
N ILE A 381 -18.26 11.15 -22.69
CA ILE A 381 -18.39 11.51 -21.28
C ILE A 381 -17.61 10.55 -20.40
N ALA A 382 -17.30 9.36 -20.92
CA ALA A 382 -16.28 8.58 -20.17
C ALA A 382 -14.97 9.33 -20.09
N GLN A 383 -14.53 10.05 -21.15
CA GLN A 383 -13.30 10.81 -21.05
C GLN A 383 -13.46 11.92 -20.02
N VAL A 384 -14.66 12.50 -19.97
CA VAL A 384 -14.88 13.52 -18.95
C VAL A 384 -14.68 12.97 -17.55
N THR A 385 -15.25 11.81 -17.28
CA THR A 385 -15.04 11.16 -15.99
C THR A 385 -13.57 10.90 -15.73
N ALA A 386 -12.80 10.44 -16.71
CA ALA A 386 -11.37 10.25 -16.42
C ALA A 386 -10.65 11.58 -16.15
N ALA A 387 -11.09 12.63 -16.86
CA ALA A 387 -10.54 13.94 -16.53
C ALA A 387 -10.84 14.39 -15.11
N ALA A 388 -12.06 14.12 -14.62
CA ALA A 388 -12.41 14.47 -13.26
C ALA A 388 -11.54 13.73 -12.24
N LEU A 389 -11.35 12.43 -12.50
CA LEU A 389 -10.54 11.61 -11.59
C LEU A 389 -9.06 12.00 -11.62
N ALA A 390 -8.51 12.19 -12.83
CA ALA A 390 -7.14 12.68 -12.92
C ALA A 390 -6.94 13.98 -12.17
N SER A 391 -7.85 14.94 -12.39
CA SER A 391 -7.69 16.25 -11.74
C SER A 391 -7.68 16.21 -10.22
N GLU A 392 -8.56 15.35 -9.69
CA GLU A 392 -8.68 15.31 -8.23
C GLU A 392 -7.34 14.90 -7.63
N ASN A 393 -6.58 14.10 -8.36
CA ASN A 393 -5.28 13.65 -7.83
C ASN A 393 -4.29 14.79 -7.66
N LYS A 394 -4.47 15.93 -8.32
CA LYS A 394 -3.42 16.96 -8.15
C LYS A 394 -3.47 17.53 -6.75
N ALA A 395 -4.69 17.91 -6.34
CA ALA A 395 -4.78 18.44 -4.98
C ALA A 395 -4.37 17.37 -3.96
N LEU A 396 -4.75 16.12 -4.24
CA LEU A 396 -4.50 15.02 -3.31
C LEU A 396 -3.00 14.76 -3.18
N SER A 397 -2.25 15.21 -4.18
CA SER A 397 -0.80 15.08 -4.16
C SER A 397 -0.13 16.01 -3.14
N HIS A 398 -0.86 17.01 -2.63
CA HIS A 398 -0.21 17.91 -1.69
C HIS A 398 0.44 17.14 -0.52
N PRO A 399 1.71 17.39 -0.21
CA PRO A 399 2.34 16.53 0.80
C PRO A 399 1.87 16.81 2.21
N HIS A 400 1.76 15.70 2.94
CA HIS A 400 1.45 15.81 4.38
C HIS A 400 2.73 15.75 5.20
N SER A 401 3.83 15.25 4.64
CA SER A 401 5.03 15.15 5.48
C SER A 401 5.60 16.52 5.86
N VAL A 402 5.17 17.60 5.24
CA VAL A 402 5.67 18.95 5.50
C VAL A 402 4.88 19.62 6.62
N ASP A 403 3.88 18.95 7.18
CA ASP A 403 3.15 19.58 8.29
C ASP A 403 3.42 18.92 9.61
N SER A 404 3.22 19.66 10.70
CA SER A 404 3.36 19.14 12.06
C SER A 404 2.66 20.09 13.00
N LEU A 405 2.09 19.58 14.07
CA LEU A 405 1.59 20.40 15.17
C LEU A 405 2.20 19.87 16.46
N PRO A 406 2.62 20.72 17.39
CA PRO A 406 3.13 20.23 18.66
C PRO A 406 2.05 19.55 19.49
N THR A 407 2.42 18.46 20.13
CA THR A 407 1.64 17.67 21.06
C THR A 407 2.36 17.44 22.39
N SER A 408 1.64 16.87 23.35
CA SER A 408 2.12 16.58 24.70
C SER A 408 2.76 17.81 25.35
N ALA A 409 2.00 18.90 25.28
CA ALA A 409 2.40 20.20 25.79
C ALA A 409 3.84 20.55 25.44
N ASN A 410 4.14 20.49 24.15
CA ASN A 410 5.40 20.83 23.52
C ASN A 410 6.56 19.88 23.79
N GLN A 411 6.29 18.75 24.43
CA GLN A 411 7.40 17.81 24.58
C GLN A 411 7.51 16.99 23.30
N GLU A 412 6.35 16.77 22.68
CA GLU A 412 6.36 15.95 21.46
C GLU A 412 6.08 16.91 20.31
N ASP A 413 7.10 17.73 20.03
CA ASP A 413 6.94 18.98 19.34
C ASP A 413 7.18 18.97 17.85
N HIS A 414 7.55 17.81 17.29
CA HIS A 414 7.64 17.64 15.87
C HIS A 414 7.13 16.23 15.57
N VAL A 415 6.16 16.08 14.67
CA VAL A 415 5.60 14.76 14.37
C VAL A 415 5.53 14.59 12.86
N SER A 416 5.13 13.43 12.33
CA SER A 416 5.34 13.18 10.90
C SER A 416 4.11 13.30 10.03
N MET A 417 2.92 13.03 10.55
CA MET A 417 1.68 13.00 9.77
C MET A 417 1.74 11.88 8.73
N ALA A 418 2.53 10.85 8.99
CA ALA A 418 2.54 9.70 8.09
C ALA A 418 1.20 9.03 7.87
N PRO A 419 0.34 8.79 8.85
CA PRO A 419 -0.96 8.14 8.59
C PRO A 419 -1.73 8.90 7.54
N ALA A 420 -1.82 10.23 7.67
CA ALA A 420 -2.62 10.92 6.63
C ALA A 420 -1.97 10.80 5.27
N ALA A 421 -0.63 10.85 5.25
CA ALA A 421 0.09 10.71 3.98
C ALA A 421 -0.20 9.40 3.28
N GLY A 422 -0.23 8.31 4.06
CA GLY A 422 -0.47 7.00 3.46
C GLY A 422 -1.91 6.79 3.06
N LYS A 423 -2.84 7.20 3.93
CA LYS A 423 -4.23 6.86 3.62
C LYS A 423 -4.74 7.65 2.41
N ARG A 424 -4.23 8.84 2.13
CA ARG A 424 -4.78 9.51 0.93
C ARG A 424 -4.43 8.75 -0.35
N LEU A 425 -3.42 7.88 -0.27
CA LEU A 425 -3.01 7.15 -1.45
C LEU A 425 -4.11 6.20 -1.90
N TRP A 426 -4.93 5.75 -0.96
CA TRP A 426 -5.92 4.75 -1.35
C TRP A 426 -6.93 5.37 -2.31
N GLU A 427 -7.34 6.60 -1.99
CA GLU A 427 -8.28 7.26 -2.90
C GLU A 427 -7.61 7.70 -4.18
N MET A 428 -6.36 8.11 -4.11
CA MET A 428 -5.63 8.45 -5.33
C MET A 428 -5.59 7.24 -6.26
N ALA A 429 -5.39 6.07 -5.62
CA ALA A 429 -5.40 4.84 -6.45
C ALA A 429 -6.77 4.49 -7.03
N GLU A 430 -7.87 4.73 -6.33
CA GLU A 430 -9.20 4.57 -6.92
C GLU A 430 -9.34 5.50 -8.12
N ASN A 431 -8.84 6.73 -7.97
CA ASN A 431 -8.95 7.69 -9.07
C ASN A 431 -8.21 7.20 -10.29
N THR A 432 -6.94 6.87 -10.06
CA THR A 432 -6.16 6.39 -11.23
C THR A 432 -6.72 5.10 -11.77
N ARG A 433 -7.25 4.23 -10.92
CA ARG A 433 -7.82 2.94 -11.36
C ARG A 433 -9.00 3.19 -12.29
N GLY A 434 -9.81 4.19 -11.95
CA GLY A 434 -10.89 4.59 -12.84
C GLY A 434 -10.43 5.10 -14.19
N VAL A 435 -9.39 5.91 -14.21
CA VAL A 435 -8.81 6.43 -15.44
C VAL A 435 -8.34 5.26 -16.31
N LEU A 436 -7.52 4.37 -15.74
CA LEU A 436 -7.07 3.23 -16.54
C LEU A 436 -8.25 2.37 -16.99
N ALA A 437 -9.29 2.20 -16.18
CA ALA A 437 -10.43 1.37 -16.57
C ALA A 437 -11.01 1.93 -17.87
N ILE A 438 -11.15 3.26 -17.89
CA ILE A 438 -11.68 3.91 -19.09
C ILE A 438 -10.73 3.79 -20.27
N GLU A 439 -9.43 3.90 -20.03
CA GLU A 439 -8.46 3.71 -21.11
C GLU A 439 -8.53 2.29 -21.68
N TRP A 440 -8.61 1.32 -20.79
CA TRP A 440 -8.76 -0.09 -21.18
C TRP A 440 -9.97 -0.25 -22.09
N LEU A 441 -11.10 0.29 -21.63
CA LEU A 441 -12.29 0.21 -22.48
C LEU A 441 -12.12 0.91 -23.82
N GLY A 442 -11.52 2.11 -23.86
CA GLY A 442 -11.43 2.78 -25.14
C GLY A 442 -10.47 2.07 -26.08
N ALA A 443 -9.31 1.64 -25.58
CA ALA A 443 -8.38 1.05 -26.56
C ALA A 443 -8.96 -0.25 -27.13
N CYS A 444 -9.71 -0.99 -26.33
CA CYS A 444 -10.25 -2.26 -26.86
C CYS A 444 -11.32 -1.93 -27.89
N GLN A 445 -12.10 -0.90 -27.56
CA GLN A 445 -13.09 -0.43 -28.55
C GLN A 445 -12.37 0.01 -29.81
N GLY A 446 -11.29 0.78 -29.71
CA GLY A 446 -10.60 1.25 -30.91
C GLY A 446 -10.03 0.08 -31.73
N LEU A 447 -9.49 -0.92 -31.02
CA LEU A 447 -8.91 -2.06 -31.76
C LEU A 447 -10.01 -2.83 -32.46
N ASP A 448 -11.18 -2.92 -31.83
CA ASP A 448 -12.33 -3.60 -32.41
C ASP A 448 -12.66 -2.96 -33.75
N LEU A 449 -12.54 -1.63 -33.80
CA LEU A 449 -12.86 -0.96 -35.06
C LEU A 449 -11.84 -1.24 -36.14
N ARG A 450 -10.69 -1.81 -35.78
CA ARG A 450 -9.75 -2.27 -36.82
C ARG A 450 -10.09 -3.72 -37.11
N LYS A 451 -11.10 -3.83 -37.97
CA LYS A 451 -11.89 -5.04 -38.10
C LYS A 451 -11.01 -6.25 -38.36
N GLY A 452 -11.13 -7.19 -37.44
CA GLY A 452 -10.51 -8.49 -37.53
C GLY A 452 -9.04 -8.50 -37.16
N LEU A 453 -8.45 -7.36 -36.78
CA LEU A 453 -6.99 -7.35 -36.64
C LEU A 453 -6.61 -7.61 -35.17
N LYS A 454 -5.54 -8.37 -35.01
CA LYS A 454 -5.11 -8.67 -33.64
C LYS A 454 -3.82 -7.95 -33.26
N THR A 455 -3.71 -7.71 -31.95
CA THR A 455 -2.50 -7.11 -31.42
C THR A 455 -1.66 -8.27 -30.89
N SER A 456 -0.77 -8.00 -29.97
CA SER A 456 0.22 -8.99 -29.56
C SER A 456 -0.37 -10.05 -28.66
N ALA A 457 0.41 -11.09 -28.32
CA ALA A 457 -0.17 -12.17 -27.52
C ALA A 457 -0.62 -11.72 -26.14
N LYS A 458 0.21 -11.03 -25.37
CA LYS A 458 -0.28 -10.61 -24.05
C LYS A 458 -1.35 -9.53 -24.17
N LEU A 459 -1.27 -8.71 -25.23
CA LEU A 459 -2.27 -7.63 -25.27
C LEU A 459 -3.62 -8.20 -25.70
N GLU A 460 -3.67 -9.29 -26.47
CA GLU A 460 -4.94 -9.94 -26.80
C GLU A 460 -5.53 -10.56 -25.54
N LYS A 461 -4.64 -11.05 -24.67
CA LYS A 461 -5.13 -11.53 -23.38
C LYS A 461 -5.87 -10.42 -22.63
N ALA A 462 -5.30 -9.21 -22.75
CA ALA A 462 -5.95 -8.09 -22.06
C ALA A 462 -7.27 -7.76 -22.74
N ARG A 463 -7.33 -7.80 -24.07
CA ARG A 463 -8.62 -7.57 -24.73
C ARG A 463 -9.65 -8.62 -24.34
N GLN A 464 -9.23 -9.88 -24.28
CA GLN A 464 -10.17 -10.94 -23.94
C GLN A 464 -10.66 -10.82 -22.51
N ALA A 465 -9.79 -10.40 -21.60
CA ALA A 465 -10.20 -10.26 -20.22
C ALA A 465 -11.38 -9.28 -20.12
N LEU A 466 -11.24 -8.15 -20.80
CA LEU A 466 -12.28 -7.11 -20.77
C LEU A 466 -13.54 -7.62 -21.47
N ARG A 467 -13.39 -8.18 -22.67
CA ARG A 467 -14.58 -8.58 -23.45
C ARG A 467 -15.32 -9.75 -22.83
N SER A 468 -14.73 -10.43 -21.84
CA SER A 468 -15.48 -11.46 -21.13
C SER A 468 -16.61 -10.81 -20.32
N GLU A 469 -16.43 -9.54 -19.97
CA GLU A 469 -17.42 -8.84 -19.16
C GLU A 469 -18.13 -7.70 -19.89
N VAL A 470 -17.46 -7.00 -20.81
CA VAL A 470 -18.02 -5.79 -21.41
C VAL A 470 -17.99 -5.88 -22.92
N ALA A 471 -19.14 -5.66 -23.58
CA ALA A 471 -19.19 -5.77 -25.03
C ALA A 471 -18.67 -4.55 -25.76
N HIS A 472 -18.31 -4.75 -27.02
CA HIS A 472 -18.06 -3.69 -27.96
C HIS A 472 -19.15 -2.62 -27.89
N TYR A 473 -18.76 -1.37 -28.12
CA TYR A 473 -19.76 -0.29 -28.06
C TYR A 473 -20.29 -0.04 -29.47
N ASP A 474 -21.46 -0.63 -29.74
CA ASP A 474 -21.99 -0.53 -31.11
C ASP A 474 -22.81 0.74 -31.29
N ARG A 475 -23.50 1.17 -30.25
CA ARG A 475 -24.36 2.36 -30.27
C ARG A 475 -24.61 2.82 -28.83
N ASP A 476 -25.04 4.05 -28.60
CA ASP A 476 -25.12 4.56 -27.23
C ASP A 476 -25.96 3.66 -26.35
N ARG A 477 -25.45 3.38 -25.16
CA ARG A 477 -26.13 2.62 -24.12
C ARG A 477 -25.67 3.16 -22.77
N PHE A 478 -26.34 2.69 -21.72
CA PHE A 478 -25.97 3.15 -20.38
C PHE A 478 -24.50 2.83 -20.16
N PHE A 479 -23.70 3.87 -19.94
CA PHE A 479 -22.26 3.69 -19.99
C PHE A 479 -21.68 3.20 -18.67
N ALA A 480 -22.08 3.77 -17.54
CA ALA A 480 -21.43 3.52 -16.28
C ALA A 480 -21.23 2.03 -15.93
N PRO A 481 -22.16 1.12 -16.13
CA PRO A 481 -21.90 -0.28 -15.75
C PRO A 481 -20.62 -0.85 -16.41
N ASP A 482 -20.32 -0.43 -17.62
CA ASP A 482 -19.11 -0.84 -18.33
C ASP A 482 -17.88 -0.37 -17.55
N ILE A 483 -17.90 0.88 -17.06
CA ILE A 483 -16.74 1.38 -16.31
C ILE A 483 -16.60 0.67 -14.96
N GLU A 484 -17.72 0.41 -14.30
CA GLU A 484 -17.75 -0.34 -13.05
C GLU A 484 -17.10 -1.71 -13.27
N LYS A 485 -17.50 -2.35 -14.35
CA LYS A 485 -16.98 -3.71 -14.61
C LYS A 485 -15.48 -3.69 -14.88
N ALA A 486 -15.00 -2.76 -15.68
CA ALA A 486 -13.57 -2.59 -15.94
C ALA A 486 -12.79 -2.29 -14.67
N VAL A 487 -13.30 -1.37 -13.86
CA VAL A 487 -12.62 -1.09 -12.58
C VAL A 487 -12.49 -2.34 -11.71
N GLU A 488 -13.52 -3.16 -11.66
CA GLU A 488 -13.54 -4.34 -10.77
C GLU A 488 -12.52 -5.37 -11.28
N LEU A 489 -12.49 -5.56 -12.61
CA LEU A 489 -11.44 -6.37 -13.23
C LEU A 489 -10.05 -5.88 -12.83
N LEU A 490 -9.79 -4.58 -12.90
CA LEU A 490 -8.50 -4.06 -12.47
C LEU A 490 -8.25 -4.32 -11.00
N ALA A 491 -9.26 -4.10 -10.17
CA ALA A 491 -9.12 -4.21 -8.72
C ALA A 491 -8.71 -5.63 -8.36
N LYS A 492 -9.16 -6.56 -9.21
CA LYS A 492 -8.92 -7.97 -8.91
C LYS A 492 -7.57 -8.43 -9.47
N GLY A 493 -6.82 -7.53 -10.10
CA GLY A 493 -5.52 -7.92 -10.59
C GLY A 493 -5.54 -8.60 -11.96
N SER A 494 -6.59 -8.34 -12.73
CA SER A 494 -6.74 -9.01 -14.03
C SER A 494 -5.57 -8.78 -14.95
N LEU A 495 -4.87 -7.64 -14.87
CA LEU A 495 -3.81 -7.38 -15.84
C LEU A 495 -2.40 -7.53 -15.26
N THR A 496 -2.35 -7.77 -13.96
CA THR A 496 -1.07 -7.70 -13.27
C THR A 496 -0.12 -8.78 -13.80
N GLY A 497 -0.66 -10.00 -13.95
CA GLY A 497 0.13 -11.13 -14.39
C GLY A 497 0.75 -10.98 -15.75
N LEU A 498 0.35 -10.05 -16.62
CA LEU A 498 0.99 -9.93 -17.93
C LEU A 498 2.36 -9.26 -17.81
N LEU A 499 2.57 -8.50 -16.73
CA LEU A 499 3.86 -7.84 -16.61
C LEU A 499 4.99 -8.80 -16.29
N PRO A 500 6.14 -8.66 -16.91
CA PRO A 500 7.24 -9.57 -16.58
C PRO A 500 7.62 -9.53 -15.11
N ALA A 501 8.17 -10.66 -14.66
CA ALA A 501 8.61 -10.83 -13.28
C ALA A 501 9.85 -9.98 -12.97
N GLY A 502 9.96 -9.62 -11.69
CA GLY A 502 11.06 -8.96 -11.04
C GLY A 502 11.21 -7.51 -11.45
N VAL A 503 10.07 -6.91 -11.78
CA VAL A 503 10.12 -5.49 -12.17
C VAL A 503 9.71 -4.63 -10.97
N LEU A 504 8.60 -5.04 -10.36
CA LEU A 504 8.01 -4.29 -9.24
C LEU A 504 8.45 -4.85 -7.89
N PRO A 505 8.69 -3.94 -6.94
CA PRO A 505 9.30 -4.31 -5.65
C PRO A 505 8.64 -5.52 -5.02
N SER A 506 7.31 -5.63 -4.98
CA SER A 506 6.70 -6.72 -4.23
C SER A 506 6.22 -7.84 -5.13
N LEU A 507 6.46 -7.71 -6.43
CA LEU A 507 6.00 -8.69 -7.41
C LEU A 507 7.23 -9.26 -8.11
S SO4 B . 8.44 8.94 24.70
O1 SO4 B . 7.70 10.23 24.80
O2 SO4 B . 9.80 9.07 25.30
O3 SO4 B . 7.68 7.87 25.43
O4 SO4 B . 8.55 8.54 23.26
C1 GOL C . 4.88 1.75 30.43
O1 GOL C . 4.95 0.59 29.60
C2 GOL C . 6.11 1.86 31.33
O2 GOL C . 6.34 3.02 32.09
C3 GOL C . 6.37 0.58 32.18
O3 GOL C . 7.65 0.16 31.66
#